data_3H21
#
_entry.id   3H21
#
_cell.length_a   97.544
_cell.length_b   97.544
_cell.length_c   263.811
_cell.angle_alpha   90.00
_cell.angle_beta   90.00
_cell.angle_gamma   120.00
#
_symmetry.space_group_name_H-M   'P 62 2 2'
#
loop_
_entity.id
_entity.type
_entity.pdbx_description
1 polymer 'Dihydropteroate synthase'
2 non-polymer '(2R)-2-(7-amino-1-methyl-4,5-dioxo-1,4,5,6-tetrahydropyrimido[4,5-c]pyridazin-3-yl)propanoic acid'
3 non-polymer 'SULFATE ION'
4 water water
#
_entity_poly.entity_id   1
_entity_poly.type   'polypeptide(L)'
_entity_poly.pdbx_seq_one_letter_code
;MGSSHHHHHHSSGLVPRGSHMKWDYDLRCGEYTLNLNEKTLIMGILNVTPDSFSDGGSYNEVDAAVRHAKEMRDEGAHII
DIGGESTRPGFAKVSVEEEIKRVVPMIQAVSKEVKLPISIDTYKAEVAKQAIEAGAHIINDIWGAKAEPKIAEVAAHYDV
PIILMHNRDNMNYRNLMADMIADLYDSIKIAKDAGVRDENIILDPGIGFAKTPEQNLEAMRNLEQLNVLGYPVLLGTSRK
SFIGHVLDLPVEERLEGTGATVCLGIEKGCEFVRVHDVKEMSRMAKMMDAMIGKGVK
;
_entity_poly.pdbx_strand_id   A,B
#
loop_
_chem_comp.id
_chem_comp.type
_chem_comp.name
_chem_comp.formula
B52 non-polymer '(2R)-2-(7-amino-1-methyl-4,5-dioxo-1,4,5,6-tetrahydropyrimido[4,5-c]pyridazin-3-yl)propanoic acid' 'C10 H11 N5 O4'
SO4 non-polymer 'SULFATE ION' 'O4 S -2'
#
# COMPACT_ATOMS: atom_id res chain seq x y z
N LYS A 22 -10.91 3.08 -40.70
CA LYS A 22 -12.30 2.70 -40.24
C LYS A 22 -12.92 3.48 -39.09
N TRP A 23 -12.22 3.70 -37.99
CA TRP A 23 -12.77 4.68 -37.02
C TRP A 23 -12.18 6.04 -37.36
N ASP A 24 -13.02 7.06 -37.48
CA ASP A 24 -12.47 8.35 -37.86
C ASP A 24 -12.33 9.24 -36.65
N TYR A 25 -12.39 8.60 -35.47
CA TYR A 25 -12.06 9.24 -34.21
C TYR A 25 -11.25 8.34 -33.28
N ASP A 26 -10.77 8.95 -32.20
CA ASP A 26 -10.12 8.32 -31.05
C ASP A 26 -11.02 8.39 -29.84
N LEU A 27 -10.92 7.37 -29.01
CA LEU A 27 -11.49 7.43 -27.69
C LEU A 27 -10.74 8.41 -26.77
N ARG A 28 -11.43 9.47 -26.41
CA ARG A 28 -10.90 10.52 -25.59
C ARG A 28 -11.26 10.26 -24.13
N CYS A 29 -10.22 10.04 -23.34
CA CYS A 29 -10.37 9.63 -21.94
C CYS A 29 -9.61 10.56 -21.02
N GLY A 30 -10.05 11.82 -20.92
CA GLY A 30 -9.30 12.84 -20.17
C GLY A 30 -7.84 12.86 -20.61
N GLU A 31 -6.93 12.45 -19.72
CA GLU A 31 -5.50 12.46 -20.05
C GLU A 31 -4.97 11.44 -21.07
N TYR A 32 -5.71 10.34 -21.31
CA TYR A 32 -5.26 9.34 -22.29
C TYR A 32 -6.19 9.30 -23.49
N THR A 33 -5.63 8.89 -24.62
CA THR A 33 -6.38 8.67 -25.83
C THR A 33 -6.16 7.25 -26.32
N LEU A 34 -7.25 6.57 -26.66
CA LEU A 34 -7.18 5.22 -27.19
C LEU A 34 -7.52 5.19 -28.68
N ASN A 35 -6.54 4.80 -29.50
CA ASN A 35 -6.76 4.60 -30.91
C ASN A 35 -7.48 3.26 -31.19
N LEU A 36 -8.63 3.38 -31.87
CA LEU A 36 -9.55 2.26 -32.16
C LEU A 36 -9.14 1.47 -33.39
N ASN A 37 -8.13 1.94 -34.10
CA ASN A 37 -7.77 1.35 -35.38
C ASN A 37 -6.51 0.52 -35.39
N GLU A 38 -5.54 0.85 -34.53
CA GLU A 38 -4.23 0.21 -34.60
C GLU A 38 -4.15 -1.16 -33.93
N LYS A 39 -4.88 -1.36 -32.83
CA LYS A 39 -4.90 -2.65 -32.19
C LYS A 39 -6.20 -2.89 -31.44
N THR A 40 -6.51 -4.15 -31.13
CA THR A 40 -7.57 -4.49 -30.19
C THR A 40 -7.10 -4.04 -28.81
N LEU A 41 -7.98 -3.37 -28.07
CA LEU A 41 -7.62 -2.87 -26.80
C LEU A 41 -8.05 -3.85 -25.71
N ILE A 42 -7.17 -4.01 -24.72
CA ILE A 42 -7.27 -5.04 -23.70
C ILE A 42 -7.73 -4.34 -22.48
N MET A 43 -8.88 -4.70 -21.93
CA MET A 43 -9.31 -4.15 -20.65
C MET A 43 -9.08 -5.23 -19.58
N GLY A 44 -8.25 -4.89 -18.57
CA GLY A 44 -7.79 -5.86 -17.56
C GLY A 44 -8.80 -5.89 -16.45
N ILE A 45 -9.28 -7.07 -16.07
CA ILE A 45 -10.27 -7.09 -14.99
C ILE A 45 -9.52 -7.05 -13.68
N LEU A 46 -9.80 -6.01 -12.88
CA LEU A 46 -9.20 -5.89 -11.54
C LEU A 46 -9.85 -6.66 -10.40
N ASN A 47 -9.02 -7.56 -9.85
CA ASN A 47 -9.16 -8.28 -8.55
C ASN A 47 -9.46 -7.43 -7.33
N VAL A 48 -10.70 -7.54 -6.79
CA VAL A 48 -11.13 -6.69 -5.61
C VAL A 48 -11.48 -7.43 -4.27
N THR A 49 -10.62 -8.37 -3.82
CA THR A 49 -10.83 -9.13 -2.54
C THR A 49 -10.92 -8.21 -1.29
N PRO A 50 -12.18 -7.90 -0.83
CA PRO A 50 -12.33 -6.95 0.28
C PRO A 50 -11.69 -7.44 1.60
N ASP A 51 -11.12 -6.49 2.36
CA ASP A 51 -10.61 -6.71 3.71
C ASP A 51 -11.81 -6.91 4.64
N SER A 52 -11.94 -8.12 5.20
CA SER A 52 -12.81 -8.26 6.35
C SER A 52 -12.29 -7.28 7.41
N PHE A 53 -13.25 -6.63 8.10
CA PHE A 53 -12.98 -5.62 9.15
C PHE A 53 -12.89 -4.20 8.59
N SER A 54 -12.61 -4.10 7.30
CA SER A 54 -12.54 -2.83 6.59
C SER A 54 -13.91 -2.40 6.01
N ASP A 55 -14.12 -1.09 5.92
CA ASP A 55 -15.20 -0.46 5.12
C ASP A 55 -14.83 -0.33 3.62
N GLY A 56 -13.51 -0.38 3.35
CA GLY A 56 -12.85 0.11 2.12
C GLY A 56 -11.68 1.00 2.56
N GLY A 57 -10.54 0.89 1.87
CA GLY A 57 -9.40 1.80 2.15
C GLY A 57 -8.13 1.21 2.76
N SER A 58 -8.25 -0.02 3.28
CA SER A 58 -7.19 -0.73 3.97
C SER A 58 -5.99 -0.91 3.11
N TYR A 59 -4.84 -0.93 3.75
CA TYR A 59 -3.58 -1.08 3.06
C TYR A 59 -3.47 -2.38 2.23
N ASN A 60 -3.94 -3.50 2.81
CA ASN A 60 -3.81 -4.83 2.17
C ASN A 60 -4.59 -4.95 0.87
N GLU A 61 -5.83 -4.47 0.88
CA GLU A 61 -6.69 -4.49 -0.30
C GLU A 61 -6.30 -3.45 -1.36
N VAL A 62 -5.98 -2.22 -0.94
CA VAL A 62 -5.55 -1.24 -1.92
C VAL A 62 -4.21 -1.60 -2.50
N ASP A 63 -3.38 -2.28 -1.73
CA ASP A 63 -2.03 -2.60 -2.18
C ASP A 63 -2.02 -3.79 -3.13
N ALA A 64 -2.77 -4.83 -2.78
CA ALA A 64 -2.96 -5.94 -3.69
C ALA A 64 -3.58 -5.44 -5.02
N ALA A 65 -4.61 -4.59 -4.92
CA ALA A 65 -5.18 -3.88 -6.08
C ALA A 65 -4.15 -3.16 -6.97
N VAL A 66 -3.32 -2.30 -6.39
CA VAL A 66 -2.29 -1.56 -7.15
C VAL A 66 -1.25 -2.51 -7.76
N ARG A 67 -0.85 -3.54 -7.02
CA ARG A 67 0.16 -4.45 -7.53
C ARG A 67 -0.43 -5.22 -8.70
N HIS A 68 -1.67 -5.66 -8.56
CA HIS A 68 -2.37 -6.32 -9.65
C HIS A 68 -2.53 -5.45 -10.91
N ALA A 69 -2.91 -4.19 -10.73
CA ALA A 69 -3.01 -3.23 -11.83
C ALA A 69 -1.68 -3.02 -12.52
N LYS A 70 -0.58 -3.01 -11.77
CA LYS A 70 0.75 -2.75 -12.31
C LYS A 70 1.25 -3.90 -13.16
N GLU A 71 1.01 -5.11 -12.63
CA GLU A 71 1.22 -6.34 -13.34
C GLU A 71 0.41 -6.38 -14.66
N MET A 72 -0.89 -6.11 -14.62
CA MET A 72 -1.67 -6.03 -15.85
C MET A 72 -1.17 -4.95 -16.77
N ARG A 73 -0.78 -3.80 -16.24
CA ARG A 73 -0.16 -2.79 -17.10
C ARG A 73 1.04 -3.39 -17.83
N ASP A 74 1.87 -4.12 -17.09
CA ASP A 74 3.11 -4.69 -17.64
C ASP A 74 2.89 -5.80 -18.63
N GLU A 75 1.78 -6.50 -18.51
CA GLU A 75 1.45 -7.59 -19.45
C GLU A 75 0.71 -7.17 -20.71
N GLY A 76 0.43 -5.88 -20.87
CA GLY A 76 -0.20 -5.37 -22.08
C GLY A 76 -1.64 -4.83 -21.99
N ALA A 77 -2.17 -4.67 -20.79
CA ALA A 77 -3.48 -4.03 -20.60
C ALA A 77 -3.51 -2.57 -20.99
N HIS A 78 -4.64 -2.11 -21.54
CA HIS A 78 -4.75 -0.75 -22.03
C HIS A 78 -5.69 0.05 -21.18
N ILE A 79 -6.52 -0.68 -20.43
CA ILE A 79 -7.53 -0.07 -19.54
C ILE A 79 -7.54 -0.98 -18.34
N ILE A 80 -7.77 -0.40 -17.17
CA ILE A 80 -7.97 -1.19 -15.97
C ILE A 80 -9.41 -1.00 -15.62
N ASP A 81 -10.11 -2.13 -15.47
CA ASP A 81 -11.52 -2.16 -15.09
C ASP A 81 -11.69 -2.50 -13.60
N ILE A 82 -12.26 -1.59 -12.83
CA ILE A 82 -12.35 -1.74 -11.37
C ILE A 82 -13.82 -1.75 -10.91
N GLY A 83 -14.26 -2.78 -10.18
CA GLY A 83 -15.67 -2.90 -9.69
C GLY A 83 -15.91 -3.18 -8.21
N GLY A 84 -17.02 -2.66 -7.62
CA GLY A 84 -17.27 -2.80 -6.14
C GLY A 84 -18.53 -3.49 -5.57
N SER A 95 -25.79 -0.44 0.62
CA SER A 95 -24.94 -1.02 -0.40
C SER A 95 -24.30 0.09 -1.26
N VAL A 96 -25.09 1.10 -1.69
CA VAL A 96 -24.54 2.24 -2.48
C VAL A 96 -23.41 3.04 -1.78
N GLU A 97 -23.60 3.36 -0.51
CA GLU A 97 -22.61 4.16 0.25
C GLU A 97 -21.38 3.31 0.56
N GLU A 98 -21.64 2.01 0.74
CA GLU A 98 -20.63 0.98 0.89
C GLU A 98 -19.74 0.70 -0.33
N GLU A 99 -20.37 0.69 -1.51
CA GLU A 99 -19.73 0.41 -2.78
C GLU A 99 -18.74 1.53 -3.09
N ILE A 100 -19.13 2.78 -2.76
CA ILE A 100 -18.30 3.99 -2.95
C ILE A 100 -17.07 3.96 -2.05
N LYS A 101 -17.30 3.66 -0.77
CA LYS A 101 -16.21 3.47 0.20
C LYS A 101 -15.18 2.45 -0.24
N ARG A 102 -15.63 1.32 -0.83
CA ARG A 102 -14.73 0.25 -1.31
C ARG A 102 -13.96 0.64 -2.56
N VAL A 103 -14.68 1.16 -3.55
CA VAL A 103 -14.09 1.33 -4.86
C VAL A 103 -13.32 2.66 -5.05
N VAL A 104 -13.76 3.72 -4.35
CA VAL A 104 -13.12 5.05 -4.46
C VAL A 104 -11.60 5.05 -4.09
N PRO A 105 -11.20 4.48 -2.91
CA PRO A 105 -9.78 4.30 -2.50
C PRO A 105 -8.93 3.59 -3.55
N MET A 106 -9.54 2.60 -4.21
CA MET A 106 -8.85 1.88 -5.26
C MET A 106 -8.66 2.68 -6.54
N ILE A 107 -9.70 3.36 -7.02
CA ILE A 107 -9.49 4.27 -8.15
C ILE A 107 -8.39 5.34 -7.88
N GLN A 108 -8.49 6.01 -6.72
CA GLN A 108 -7.44 6.94 -6.27
C GLN A 108 -6.01 6.37 -6.30
N ALA A 109 -5.78 5.21 -5.66
CA ALA A 109 -4.46 4.57 -5.68
C ALA A 109 -3.97 4.16 -7.09
N VAL A 110 -4.83 3.47 -7.84
CA VAL A 110 -4.47 2.93 -9.12
C VAL A 110 -4.22 4.05 -10.14
N SER A 111 -5.07 5.06 -10.17
CA SER A 111 -4.87 6.13 -11.16
C SER A 111 -3.63 6.96 -10.87
N LYS A 112 -3.28 7.07 -9.59
CA LYS A 112 -2.11 7.79 -9.16
C LYS A 112 -0.91 7.00 -9.60
N GLU A 113 -0.94 5.70 -9.33
CA GLU A 113 0.23 4.82 -9.48
C GLU A 113 0.35 4.03 -10.79
N VAL A 114 -0.77 3.90 -11.53
CA VAL A 114 -0.78 3.24 -12.85
C VAL A 114 -1.36 4.18 -13.92
N LYS A 115 -0.50 4.51 -14.88
CA LYS A 115 -0.79 5.44 -16.00
C LYS A 115 -1.49 4.73 -17.20
N LEU A 116 -2.75 4.37 -16.95
CA LEU A 116 -3.65 3.75 -17.91
C LEU A 116 -5.07 4.24 -17.56
N PRO A 117 -5.97 4.33 -18.58
CA PRO A 117 -7.36 4.70 -18.24
C PRO A 117 -8.05 3.69 -17.31
N ILE A 118 -8.98 4.17 -16.50
CA ILE A 118 -9.69 3.29 -15.59
C ILE A 118 -11.11 3.35 -15.99
N SER A 119 -11.77 2.20 -16.05
CA SER A 119 -13.22 2.18 -16.15
C SER A 119 -13.77 1.76 -14.82
N ILE A 120 -14.88 2.39 -14.42
CA ILE A 120 -15.59 2.00 -13.22
C ILE A 120 -16.70 1.06 -13.64
N ASP A 121 -16.68 -0.14 -13.07
CA ASP A 121 -17.69 -1.10 -13.36
C ASP A 121 -18.86 -0.92 -12.38
N THR A 122 -19.83 -0.09 -12.76
CA THR A 122 -21.05 0.10 -11.98
C THR A 122 -22.29 0.32 -12.86
N TYR A 123 -23.49 0.08 -12.33
CA TYR A 123 -24.72 0.51 -12.99
C TYR A 123 -25.45 1.65 -12.24
N LYS A 124 -24.83 2.18 -11.17
CA LYS A 124 -25.43 3.19 -10.28
C LYS A 124 -24.86 4.58 -10.57
N ALA A 125 -25.76 5.55 -10.75
CA ALA A 125 -25.35 6.88 -11.18
C ALA A 125 -24.50 7.55 -10.10
N GLU A 126 -24.81 7.23 -8.84
CA GLU A 126 -24.11 7.82 -7.68
C GLU A 126 -22.66 7.36 -7.58
N VAL A 127 -22.49 6.05 -7.70
CA VAL A 127 -21.19 5.39 -7.72
C VAL A 127 -20.34 5.88 -8.90
N ALA A 128 -20.97 6.03 -10.06
CA ALA A 128 -20.29 6.49 -11.25
C ALA A 128 -19.76 7.92 -11.06
N LYS A 129 -20.65 8.84 -10.66
CA LYS A 129 -20.29 10.20 -10.25
C LYS A 129 -19.06 10.19 -9.34
N GLN A 130 -19.17 9.52 -8.21
CA GLN A 130 -18.07 9.41 -7.27
C GLN A 130 -16.76 8.93 -7.90
N ALA A 131 -16.88 7.87 -8.73
CA ALA A 131 -15.73 7.17 -9.30
C ALA A 131 -14.92 8.01 -10.29
N ILE A 132 -15.62 8.77 -11.11
CA ILE A 132 -15.00 9.77 -12.01
C ILE A 132 -14.34 10.89 -11.22
N GLU A 133 -15.08 11.39 -10.21
CA GLU A 133 -14.57 12.32 -9.19
C GLU A 133 -13.26 11.77 -8.61
N ALA A 134 -13.30 10.51 -8.18
CA ALA A 134 -12.12 9.84 -7.65
C ALA A 134 -11.00 9.57 -8.66
N GLY A 135 -11.24 9.74 -9.96
CA GLY A 135 -10.21 9.43 -10.97
C GLY A 135 -10.57 8.52 -12.16
N ALA A 136 -11.73 7.86 -12.16
CA ALA A 136 -12.13 6.95 -13.28
C ALA A 136 -12.40 7.67 -14.61
N HIS A 137 -12.05 7.04 -15.74
CA HIS A 137 -12.13 7.67 -17.07
C HIS A 137 -13.29 7.25 -17.96
N ILE A 138 -13.87 6.08 -17.67
CA ILE A 138 -14.86 5.39 -18.51
C ILE A 138 -15.86 4.73 -17.59
N ILE A 139 -17.12 4.77 -17.95
CA ILE A 139 -18.13 4.02 -17.21
C ILE A 139 -18.39 2.68 -17.91
N ASN A 140 -18.54 1.64 -17.10
CA ASN A 140 -18.85 0.32 -17.57
C ASN A 140 -20.17 -0.21 -16.96
N ASP A 141 -21.29 -0.05 -17.68
CA ASP A 141 -22.62 -0.36 -17.11
C ASP A 141 -23.22 -1.67 -17.60
N ILE A 142 -23.23 -2.69 -16.75
CA ILE A 142 -23.73 -4.00 -17.14
C ILE A 142 -25.24 -4.01 -17.40
N TRP A 143 -25.88 -2.86 -17.20
CA TRP A 143 -27.34 -2.69 -17.42
C TRP A 143 -27.65 -1.71 -18.53
N GLY A 144 -26.60 -1.18 -19.16
CA GLY A 144 -26.70 -0.27 -20.29
C GLY A 144 -27.66 0.87 -20.05
N ALA A 145 -27.50 1.54 -18.90
CA ALA A 145 -28.28 2.75 -18.56
C ALA A 145 -29.75 2.47 -18.29
N LYS A 146 -30.09 1.21 -18.05
CA LYS A 146 -31.47 0.86 -17.83
C LYS A 146 -31.77 0.71 -16.35
N ALA A 147 -30.76 0.36 -15.55
CA ALA A 147 -31.00 0.18 -14.13
C ALA A 147 -31.22 1.56 -13.51
N GLU A 148 -30.34 2.50 -13.87
CA GLU A 148 -30.38 3.84 -13.35
C GLU A 148 -30.09 4.81 -14.47
N PRO A 149 -31.13 5.20 -15.24
CA PRO A 149 -30.98 6.05 -16.40
C PRO A 149 -30.17 7.31 -16.13
N LYS A 150 -30.23 7.79 -14.88
CA LYS A 150 -29.42 8.93 -14.42
C LYS A 150 -27.92 8.81 -14.69
N ILE A 151 -27.42 7.58 -14.85
CA ILE A 151 -26.00 7.32 -15.13
C ILE A 151 -25.58 7.84 -16.50
N ALA A 152 -26.54 7.95 -17.41
CA ALA A 152 -26.26 8.46 -18.73
C ALA A 152 -26.00 9.95 -18.62
N GLU A 153 -26.75 10.59 -17.73
CA GLU A 153 -26.54 12.01 -17.42
C GLU A 153 -25.21 12.32 -16.73
N VAL A 154 -24.87 11.48 -15.74
CA VAL A 154 -23.54 11.48 -15.20
C VAL A 154 -22.55 11.44 -16.35
N ALA A 155 -22.74 10.48 -17.26
CA ALA A 155 -21.82 10.28 -18.36
C ALA A 155 -21.72 11.50 -19.29
N ALA A 156 -22.88 12.02 -19.74
CA ALA A 156 -22.95 13.20 -20.62
C ALA A 156 -22.20 14.39 -20.01
N HIS A 157 -22.46 14.60 -18.71
CA HIS A 157 -21.89 15.65 -17.89
C HIS A 157 -20.35 15.66 -17.79
N TYR A 158 -19.73 14.50 -17.49
CA TYR A 158 -18.26 14.44 -17.33
C TYR A 158 -17.59 14.18 -18.64
N ASP A 159 -18.41 13.90 -19.64
CA ASP A 159 -17.97 13.73 -21.01
C ASP A 159 -17.08 12.47 -21.17
N VAL A 160 -17.45 11.40 -20.47
CA VAL A 160 -16.67 10.15 -20.51
C VAL A 160 -17.33 9.07 -21.37
N PRO A 161 -16.52 8.16 -21.96
CA PRO A 161 -17.07 6.99 -22.63
C PRO A 161 -17.95 6.18 -21.70
N ILE A 162 -19.08 5.70 -22.19
CA ILE A 162 -19.90 4.77 -21.43
C ILE A 162 -20.10 3.48 -22.24
N ILE A 163 -19.93 2.33 -21.56
CA ILE A 163 -20.15 1.03 -22.15
C ILE A 163 -21.52 0.58 -21.79
N LEU A 164 -22.32 0.33 -22.82
CA LEU A 164 -23.70 -0.10 -22.70
C LEU A 164 -23.76 -1.55 -23.01
N MET A 165 -23.94 -2.38 -21.98
CA MET A 165 -23.92 -3.82 -22.14
C MET A 165 -25.35 -4.28 -22.36
N HIS A 166 -25.50 -5.24 -23.27
CA HIS A 166 -26.77 -5.90 -23.38
C HIS A 166 -27.10 -6.72 -22.12
N ASN A 167 -28.28 -6.42 -21.58
CA ASN A 167 -28.80 -7.17 -20.47
C ASN A 167 -30.31 -7.09 -20.48
N ARG A 168 -30.96 -8.00 -19.76
CA ARG A 168 -32.39 -7.91 -19.47
C ARG A 168 -32.85 -8.83 -18.34
N ASP A 169 -34.07 -8.60 -17.87
CA ASP A 169 -34.54 -9.31 -16.68
C ASP A 169 -35.22 -10.66 -17.03
N ASN A 170 -35.09 -11.12 -18.27
CA ASN A 170 -35.77 -12.34 -18.73
C ASN A 170 -35.03 -12.94 -19.93
N MET A 171 -35.41 -14.14 -20.36
CA MET A 171 -34.85 -14.68 -21.60
C MET A 171 -35.84 -15.03 -22.66
N ASN A 172 -36.88 -14.23 -22.82
CA ASN A 172 -37.78 -14.57 -23.89
C ASN A 172 -37.49 -13.93 -25.25
N TYR A 173 -36.66 -14.58 -26.04
CA TYR A 173 -36.29 -13.98 -27.31
C TYR A 173 -37.17 -14.43 -28.47
N ARG A 174 -37.71 -13.49 -29.25
CA ARG A 174 -38.32 -13.83 -30.54
C ARG A 174 -37.21 -14.29 -31.48
N ASN A 175 -36.09 -13.57 -31.47
CA ASN A 175 -34.95 -13.75 -32.38
C ASN A 175 -33.83 -13.05 -31.62
N LEU A 176 -33.00 -13.85 -30.93
CA LEU A 176 -31.90 -13.39 -30.07
C LEU A 176 -31.17 -12.16 -30.57
N MET A 177 -30.57 -12.29 -31.74
CA MET A 177 -29.79 -11.22 -32.33
C MET A 177 -30.55 -9.96 -32.61
N ALA A 178 -31.74 -10.09 -33.17
CA ALA A 178 -32.57 -8.95 -33.50
C ALA A 178 -33.00 -8.26 -32.22
N ASP A 179 -33.38 -9.04 -31.23
CA ASP A 179 -33.74 -8.50 -29.92
C ASP A 179 -32.61 -7.83 -29.22
N MET A 180 -31.42 -8.44 -29.21
CA MET A 180 -30.24 -7.85 -28.56
C MET A 180 -29.97 -6.47 -29.15
N ILE A 181 -30.08 -6.39 -30.48
CA ILE A 181 -29.88 -5.17 -31.21
C ILE A 181 -30.96 -4.14 -30.92
N ALA A 182 -32.22 -4.55 -30.86
CA ALA A 182 -33.30 -3.70 -30.36
C ALA A 182 -32.91 -3.18 -28.98
N ASP A 183 -32.62 -4.10 -28.05
CA ASP A 183 -32.29 -3.76 -26.65
C ASP A 183 -31.14 -2.80 -26.55
N LEU A 184 -30.06 -3.06 -27.27
CA LEU A 184 -28.87 -2.20 -27.25
C LEU A 184 -29.28 -0.86 -27.74
N TYR A 185 -30.10 -0.89 -28.77
CA TYR A 185 -30.54 0.32 -29.35
C TYR A 185 -31.39 1.15 -28.34
N ASP A 186 -32.27 0.51 -27.57
CA ASP A 186 -32.91 1.19 -26.44
C ASP A 186 -31.95 1.84 -25.44
N SER A 187 -30.73 1.31 -25.32
CA SER A 187 -29.75 1.91 -24.42
C SER A 187 -29.13 3.12 -25.08
N ILE A 188 -28.85 3.01 -26.37
CA ILE A 188 -28.33 4.14 -27.10
C ILE A 188 -29.32 5.31 -26.99
N LYS A 189 -30.61 4.99 -27.08
CA LYS A 189 -31.64 6.05 -26.97
C LYS A 189 -31.53 6.78 -25.64
N ILE A 190 -31.52 6.04 -24.54
CA ILE A 190 -31.39 6.60 -23.20
C ILE A 190 -30.10 7.43 -23.03
N ALA A 191 -29.02 6.95 -23.64
CA ALA A 191 -27.73 7.62 -23.53
C ALA A 191 -27.78 8.91 -24.30
N LYS A 192 -28.29 8.86 -25.52
CA LYS A 192 -28.27 10.03 -26.41
C LYS A 192 -29.21 11.13 -25.96
N ASP A 193 -30.36 10.69 -25.45
CA ASP A 193 -31.37 11.53 -24.86
C ASP A 193 -30.91 12.23 -23.61
N ALA A 194 -29.90 11.70 -22.93
CA ALA A 194 -29.39 12.35 -21.75
C ALA A 194 -28.19 13.19 -22.11
N GLY A 195 -27.87 13.23 -23.41
CA GLY A 195 -26.82 14.09 -23.94
C GLY A 195 -25.46 13.45 -24.26
N VAL A 196 -25.36 12.12 -24.20
CA VAL A 196 -24.11 11.40 -24.50
C VAL A 196 -23.79 11.51 -26.02
N ARG A 197 -22.57 11.95 -26.37
CA ARG A 197 -22.18 12.07 -27.77
C ARG A 197 -21.83 10.70 -28.31
N ASP A 198 -22.09 10.51 -29.60
CA ASP A 198 -21.90 9.22 -30.23
C ASP A 198 -20.53 8.67 -29.98
N GLU A 199 -19.53 9.56 -29.94
CA GLU A 199 -18.17 9.16 -29.73
C GLU A 199 -17.83 8.64 -28.34
N ASN A 200 -18.75 8.84 -27.40
CA ASN A 200 -18.59 8.23 -26.10
C ASN A 200 -19.51 7.04 -25.88
N ILE A 201 -20.03 6.43 -26.95
CA ILE A 201 -20.80 5.17 -26.83
C ILE A 201 -19.99 3.97 -27.28
N ILE A 202 -19.96 2.96 -26.41
CA ILE A 202 -19.33 1.68 -26.72
C ILE A 202 -20.38 0.66 -26.36
N LEU A 203 -20.55 -0.39 -27.17
CA LEU A 203 -21.58 -1.40 -26.89
C LEU A 203 -20.97 -2.71 -26.54
N ASP A 204 -21.79 -3.57 -25.92
CA ASP A 204 -21.32 -4.89 -25.51
C ASP A 204 -22.48 -5.92 -25.62
N PRO A 205 -22.25 -7.08 -26.28
CA PRO A 205 -23.25 -8.14 -26.40
C PRO A 205 -23.74 -8.69 -25.08
N GLY A 206 -23.04 -8.40 -24.00
CA GLY A 206 -23.36 -8.96 -22.70
C GLY A 206 -23.39 -10.48 -22.68
N ILE A 207 -22.31 -11.11 -23.12
CA ILE A 207 -22.22 -12.57 -23.13
C ILE A 207 -22.31 -13.10 -21.69
N GLY A 208 -23.19 -14.06 -21.45
CA GLY A 208 -23.29 -14.63 -20.14
C GLY A 208 -24.41 -14.04 -19.36
N PHE A 209 -25.06 -13.00 -19.89
CA PHE A 209 -26.19 -12.34 -19.21
C PHE A 209 -27.48 -12.55 -19.95
N ALA A 210 -28.49 -13.03 -19.23
CA ALA A 210 -29.83 -13.21 -19.76
C ALA A 210 -29.81 -14.10 -20.98
N LYS A 211 -28.85 -15.02 -21.05
CA LYS A 211 -28.74 -15.91 -22.19
C LYS A 211 -28.37 -17.28 -21.68
N THR A 212 -29.00 -18.28 -22.30
CA THR A 212 -28.74 -19.70 -22.09
C THR A 212 -27.39 -20.04 -22.70
N PRO A 213 -26.82 -21.21 -22.36
CA PRO A 213 -25.50 -21.45 -22.91
C PRO A 213 -25.52 -21.46 -24.42
N GLU A 214 -26.62 -21.93 -25.04
CA GLU A 214 -26.69 -22.03 -26.53
C GLU A 214 -26.91 -20.66 -27.12
N GLN A 215 -27.67 -19.83 -26.43
CA GLN A 215 -27.75 -18.43 -26.81
C GLN A 215 -26.45 -17.63 -26.79
N ASN A 216 -25.62 -17.79 -25.77
CA ASN A 216 -24.22 -17.26 -25.78
C ASN A 216 -23.35 -17.68 -26.98
N LEU A 217 -23.47 -18.95 -27.39
CA LEU A 217 -22.73 -19.46 -28.55
C LEU A 217 -23.26 -18.87 -29.83
N GLU A 218 -24.54 -18.57 -29.84
CA GLU A 218 -25.21 -18.05 -31.01
C GLU A 218 -24.88 -16.58 -31.15
N ALA A 219 -24.82 -15.86 -30.02
CA ALA A 219 -24.41 -14.46 -30.01
C ALA A 219 -22.97 -14.38 -30.47
N MET A 220 -22.14 -15.28 -29.99
CA MET A 220 -20.76 -15.37 -30.50
C MET A 220 -20.66 -15.59 -31.98
N ARG A 221 -21.43 -16.56 -32.49
CA ARG A 221 -21.53 -16.89 -33.92
C ARG A 221 -21.94 -15.70 -34.79
N ASN A 222 -22.73 -14.78 -34.22
CA ASN A 222 -23.34 -13.66 -34.93
C ASN A 222 -22.95 -12.30 -34.45
N LEU A 223 -21.89 -12.23 -33.63
CA LEU A 223 -21.40 -10.95 -33.14
C LEU A 223 -21.21 -9.83 -34.16
N GLU A 224 -20.75 -10.13 -35.37
CA GLU A 224 -20.53 -9.07 -36.38
C GLU A 224 -21.77 -8.24 -36.69
N GLN A 225 -22.96 -8.72 -36.33
CA GLN A 225 -24.17 -7.97 -36.60
C GLN A 225 -24.26 -6.73 -35.71
N LEU A 226 -23.52 -6.69 -34.60
CA LEU A 226 -23.64 -5.54 -33.73
C LEU A 226 -23.00 -4.36 -34.42
N ASN A 227 -22.17 -4.65 -35.41
CA ASN A 227 -21.47 -3.60 -36.10
C ASN A 227 -22.37 -2.67 -36.88
N VAL A 228 -23.54 -3.15 -37.28
CA VAL A 228 -24.37 -2.30 -38.13
C VAL A 228 -24.83 -1.09 -37.34
N LEU A 229 -24.82 -1.20 -36.01
CA LEU A 229 -25.22 -0.08 -35.16
C LEU A 229 -24.22 1.10 -35.19
N GLY A 230 -23.00 0.88 -35.66
CA GLY A 230 -22.07 1.98 -35.90
C GLY A 230 -21.14 2.34 -34.75
N TYR A 231 -21.14 1.55 -33.67
CA TYR A 231 -20.35 1.86 -32.48
C TYR A 231 -19.29 0.82 -32.26
N PRO A 232 -18.23 1.21 -31.55
CA PRO A 232 -17.25 0.22 -31.11
C PRO A 232 -17.87 -0.79 -30.16
N VAL A 233 -17.35 -1.99 -30.25
CA VAL A 233 -17.87 -3.09 -29.49
C VAL A 233 -16.77 -3.66 -28.56
N LEU A 234 -17.15 -3.92 -27.32
CA LEU A 234 -16.31 -4.61 -26.34
C LEU A 234 -16.87 -5.97 -26.06
N LEU A 235 -16.01 -6.97 -26.04
CA LEU A 235 -16.45 -8.31 -25.74
C LEU A 235 -15.97 -8.78 -24.37
N GLY A 236 -16.90 -9.25 -23.55
CA GLY A 236 -16.52 -9.82 -22.24
C GLY A 236 -16.93 -11.28 -22.09
N THR A 237 -15.97 -12.19 -22.29
CA THR A 237 -16.26 -13.62 -22.26
C THR A 237 -15.33 -14.38 -21.29
N SER A 238 -14.39 -13.64 -20.71
CA SER A 238 -13.31 -14.22 -19.91
C SER A 238 -13.82 -15.15 -18.83
N ARG A 239 -13.45 -16.43 -18.93
CA ARG A 239 -13.69 -17.45 -17.86
C ARG A 239 -15.17 -17.77 -17.61
N LYS A 240 -16.02 -17.22 -18.47
CA LYS A 240 -17.44 -17.37 -18.32
C LYS A 240 -17.95 -18.81 -18.36
N SER A 241 -19.11 -18.99 -17.75
CA SER A 241 -19.72 -20.30 -17.62
C SER A 241 -20.00 -21.07 -18.90
N PHE A 242 -20.36 -20.40 -20.00
CA PHE A 242 -20.60 -21.13 -21.28
C PHE A 242 -19.35 -21.81 -21.88
N ILE A 243 -18.20 -21.30 -21.52
CA ILE A 243 -16.97 -21.93 -21.87
C ILE A 243 -16.83 -23.22 -21.10
N GLY A 244 -17.16 -23.15 -19.81
CA GLY A 244 -17.20 -24.31 -18.92
C GLY A 244 -18.20 -25.31 -19.45
N HIS A 245 -19.34 -24.83 -19.95
CA HIS A 245 -20.39 -25.69 -20.39
C HIS A 245 -19.92 -26.49 -21.61
N VAL A 246 -19.08 -25.87 -22.43
CA VAL A 246 -18.63 -26.49 -23.66
C VAL A 246 -17.49 -27.44 -23.37
N LEU A 247 -16.49 -26.94 -22.66
CA LEU A 247 -15.25 -27.68 -22.46
C LEU A 247 -15.35 -28.68 -21.30
N ASP A 248 -16.33 -28.45 -20.43
CA ASP A 248 -16.51 -29.16 -19.17
C ASP A 248 -15.22 -29.05 -18.33
N LEU A 249 -14.94 -27.81 -17.97
CA LEU A 249 -13.75 -27.43 -17.28
C LEU A 249 -14.12 -26.33 -16.27
N PRO A 250 -13.56 -26.39 -15.06
CA PRO A 250 -13.87 -25.41 -14.04
C PRO A 250 -13.22 -24.06 -14.34
N VAL A 251 -13.63 -23.04 -13.60
CA VAL A 251 -13.32 -21.61 -13.86
C VAL A 251 -11.86 -21.34 -14.18
N GLU A 252 -10.97 -22.09 -13.56
CA GLU A 252 -9.56 -21.76 -13.65
C GLU A 252 -8.84 -22.63 -14.68
N GLU A 253 -9.61 -23.48 -15.35
CA GLU A 253 -9.18 -24.25 -16.54
C GLU A 253 -9.76 -23.70 -17.87
N ARG A 254 -10.14 -22.42 -17.92
CA ARG A 254 -10.80 -21.88 -19.12
C ARG A 254 -9.97 -20.89 -19.94
N LEU A 255 -8.66 -20.96 -19.83
CA LEU A 255 -7.83 -20.04 -20.55
C LEU A 255 -7.86 -20.23 -22.10
N GLU A 256 -7.92 -21.50 -22.54
CA GLU A 256 -7.89 -21.85 -23.95
C GLU A 256 -9.21 -21.53 -24.63
N GLY A 257 -10.30 -21.73 -23.91
CA GLY A 257 -11.60 -21.40 -24.38
C GLY A 257 -11.93 -19.93 -24.33
N THR A 258 -11.41 -19.20 -23.34
CA THR A 258 -11.44 -17.73 -23.34
C THR A 258 -10.69 -17.27 -24.61
N GLY A 259 -9.54 -17.87 -24.88
CA GLY A 259 -8.72 -17.48 -26.02
C GLY A 259 -9.49 -17.59 -27.33
N ALA A 260 -10.26 -18.67 -27.47
CA ALA A 260 -11.06 -18.94 -28.66
C ALA A 260 -12.10 -17.86 -28.82
N THR A 261 -12.82 -17.51 -27.75
CA THR A 261 -13.81 -16.45 -27.79
C THR A 261 -13.25 -15.06 -28.13
N VAL A 262 -12.02 -14.78 -27.69
CA VAL A 262 -11.32 -13.52 -27.98
C VAL A 262 -10.94 -13.47 -29.42
N CYS A 263 -10.45 -14.57 -29.97
CA CYS A 263 -10.05 -14.62 -31.35
C CYS A 263 -11.23 -14.45 -32.28
N LEU A 264 -12.32 -15.17 -31.97
CA LEU A 264 -13.53 -15.09 -32.74
C LEU A 264 -14.09 -13.68 -32.69
N GLY A 265 -14.05 -13.05 -31.52
CA GLY A 265 -14.53 -11.69 -31.31
C GLY A 265 -13.71 -10.68 -32.10
N ILE A 266 -12.39 -10.85 -32.13
CA ILE A 266 -11.57 -9.96 -32.93
C ILE A 266 -11.85 -10.20 -34.40
N GLU A 267 -11.95 -11.43 -34.82
CA GLU A 267 -12.26 -11.62 -36.21
C GLU A 267 -13.60 -10.96 -36.64
N LYS A 268 -14.57 -10.88 -35.74
CA LYS A 268 -15.85 -10.32 -36.02
C LYS A 268 -15.91 -8.84 -35.71
N GLY A 269 -14.77 -8.20 -35.47
CA GLY A 269 -14.71 -6.75 -35.44
C GLY A 269 -14.83 -6.04 -34.11
N CYS A 270 -14.63 -6.73 -33.00
CA CYS A 270 -14.63 -6.02 -31.74
CA CYS A 270 -14.59 -6.07 -31.71
C CYS A 270 -13.33 -5.22 -31.57
N GLU A 271 -13.49 -4.09 -30.86
CA GLU A 271 -12.46 -3.11 -30.68
C GLU A 271 -11.75 -3.31 -29.31
N PHE A 272 -12.45 -3.91 -28.35
CA PHE A 272 -12.01 -4.15 -26.99
C PHE A 272 -12.31 -5.57 -26.56
N VAL A 273 -11.45 -6.16 -25.71
CA VAL A 273 -11.83 -7.38 -24.98
C VAL A 273 -11.56 -7.22 -23.48
N ARG A 274 -12.52 -7.62 -22.65
CA ARG A 274 -12.38 -7.57 -21.22
C ARG A 274 -11.97 -8.93 -20.63
N VAL A 275 -10.73 -9.02 -20.17
CA VAL A 275 -10.11 -10.29 -19.84
C VAL A 275 -9.43 -10.31 -18.45
N HIS A 276 -9.35 -11.50 -17.83
CA HIS A 276 -8.59 -11.71 -16.61
C HIS A 276 -7.12 -11.99 -16.90
N ASP A 277 -6.90 -12.89 -17.85
CA ASP A 277 -5.57 -13.40 -18.15
C ASP A 277 -4.96 -12.48 -19.19
N VAL A 278 -4.54 -11.31 -18.73
CA VAL A 278 -4.03 -10.28 -19.60
C VAL A 278 -2.83 -10.70 -20.43
N LYS A 279 -1.87 -11.41 -19.84
CA LYS A 279 -0.65 -11.74 -20.58
C LYS A 279 -0.97 -12.57 -21.80
N GLU A 280 -1.73 -13.64 -21.62
CA GLU A 280 -2.07 -14.55 -22.69
C GLU A 280 -2.95 -13.92 -23.75
N MET A 281 -4.04 -13.28 -23.32
CA MET A 281 -5.09 -12.74 -24.21
C MET A 281 -4.52 -11.60 -25.02
N SER A 282 -3.66 -10.87 -24.36
CA SER A 282 -3.01 -9.80 -25.00
C SER A 282 -2.07 -10.27 -26.15
N ARG A 283 -1.40 -11.41 -25.97
CA ARG A 283 -0.70 -12.07 -27.08
C ARG A 283 -1.57 -12.65 -28.16
N MET A 284 -2.66 -13.33 -27.81
CA MET A 284 -3.58 -13.78 -28.85
C MET A 284 -4.20 -12.63 -29.63
N ALA A 285 -4.62 -11.57 -28.95
CA ALA A 285 -5.11 -10.36 -29.62
C ALA A 285 -4.18 -9.80 -30.67
N LYS A 286 -2.92 -9.67 -30.30
CA LYS A 286 -1.89 -9.09 -31.12
C LYS A 286 -1.61 -9.98 -32.32
N MET A 287 -1.62 -11.28 -32.14
CA MET A 287 -1.47 -12.17 -33.30
C MET A 287 -2.71 -12.07 -34.22
N MET A 288 -3.90 -12.06 -33.63
CA MET A 288 -5.13 -11.88 -34.40
C MET A 288 -5.07 -10.61 -35.23
N ASP A 289 -4.73 -9.49 -34.57
CA ASP A 289 -4.59 -8.16 -35.22
C ASP A 289 -3.70 -8.21 -36.43
N ALA A 290 -2.56 -8.88 -36.30
CA ALA A 290 -1.64 -8.97 -37.45
C ALA A 290 -2.27 -9.76 -38.59
N MET A 291 -2.99 -10.83 -38.28
CA MET A 291 -3.56 -11.64 -39.36
C MET A 291 -4.70 -10.91 -40.08
N ILE A 292 -5.62 -10.33 -39.31
CA ILE A 292 -6.79 -9.65 -39.89
C ILE A 292 -6.42 -8.31 -40.55
N GLY A 293 -5.18 -7.85 -40.37
CA GLY A 293 -4.69 -6.58 -40.88
C GLY A 293 -5.14 -5.33 -40.11
N LYS A 294 -5.47 -5.42 -38.81
CA LYS A 294 -5.90 -4.24 -38.00
C LYS A 294 -4.71 -3.31 -37.83
N LYS B 22 35.68 -6.33 21.38
CA LYS B 22 35.16 -5.57 22.56
C LYS B 22 33.78 -6.01 23.11
N TRP B 23 32.78 -6.27 22.28
CA TRP B 23 31.59 -6.98 22.79
C TRP B 23 31.78 -8.49 22.53
N ASP B 24 31.51 -9.35 23.50
CA ASP B 24 31.68 -10.76 23.20
C ASP B 24 30.38 -11.45 22.78
N TYR B 25 29.41 -10.64 22.39
CA TYR B 25 28.17 -11.14 21.79
C TYR B 25 27.57 -10.20 20.71
N ASP B 26 26.59 -10.75 19.97
CA ASP B 26 25.81 -10.06 18.95
C ASP B 26 24.41 -9.84 19.45
N LEU B 27 23.79 -8.76 19.01
CA LEU B 27 22.41 -8.53 19.34
C LEU B 27 21.56 -9.47 18.51
N ARG B 28 20.90 -10.38 19.20
CA ARG B 28 20.13 -11.41 18.54
C ARG B 28 18.66 -11.00 18.42
N CYS B 29 18.21 -10.90 17.16
CA CYS B 29 16.88 -10.36 16.82
C CYS B 29 16.11 -11.21 15.84
N GLY B 30 15.66 -12.40 16.27
CA GLY B 30 14.89 -13.29 15.40
C GLY B 30 15.72 -13.65 14.16
N GLU B 31 15.16 -13.36 12.99
CA GLU B 31 15.84 -13.60 11.71
C GLU B 31 17.13 -12.83 11.49
N TYR B 32 17.34 -11.77 12.27
CA TYR B 32 18.50 -10.86 12.11
C TYR B 32 19.43 -10.83 13.33
N THR B 33 20.69 -10.55 13.03
CA THR B 33 21.69 -10.46 14.06
C THR B 33 22.42 -9.14 13.87
N LEU B 34 22.56 -8.35 14.92
CA LEU B 34 23.29 -7.08 14.84
C LEU B 34 24.64 -7.15 15.56
N ASN B 35 25.70 -6.93 14.80
CA ASN B 35 27.05 -6.91 15.33
C ASN B 35 27.38 -5.54 15.98
N LEU B 36 27.70 -5.61 17.28
CA LEU B 36 27.97 -4.43 18.09
C LEU B 36 29.38 -3.91 17.92
N ASN B 37 30.24 -4.66 17.24
CA ASN B 37 31.62 -4.24 17.10
C ASN B 37 31.96 -3.58 15.77
N GLU B 38 31.40 -4.03 14.66
CA GLU B 38 31.84 -3.53 13.35
C GLU B 38 31.51 -2.04 13.06
N LYS B 39 30.40 -1.52 13.54
CA LYS B 39 30.07 -0.18 13.17
C LYS B 39 29.01 0.30 14.09
N THR B 40 28.82 1.62 14.19
CA THR B 40 27.66 2.21 14.87
C THR B 40 26.39 1.87 14.09
N LEU B 41 25.33 1.49 14.81
CA LEU B 41 24.13 1.05 14.22
C LEU B 41 23.12 2.17 14.18
N ILE B 42 22.49 2.34 13.01
CA ILE B 42 21.68 3.47 12.76
C ILE B 42 20.29 2.98 12.94
N MET B 43 19.56 3.53 13.92
CA MET B 43 18.12 3.31 14.02
C MET B 43 17.32 4.46 13.38
N GLY B 44 16.59 4.14 12.31
CA GLY B 44 15.88 5.16 11.54
C GLY B 44 14.53 5.37 12.16
N ILE B 45 14.20 6.63 12.46
CA ILE B 45 12.87 6.97 12.98
C ILE B 45 11.82 6.99 11.85
N LEU B 46 10.86 6.06 11.96
CA LEU B 46 9.72 6.04 11.05
C LEU B 46 8.70 7.12 11.41
N ASN B 47 8.53 8.03 10.44
CA ASN B 47 7.59 9.15 10.47
C ASN B 47 6.19 8.85 11.13
N ASP B 55 -8.50 6.85 11.53
CA ASP B 55 -8.75 5.44 11.19
C ASP B 55 -7.75 4.45 11.87
N GLY B 56 -6.53 4.35 11.30
CA GLY B 56 -5.53 3.28 11.63
C GLY B 56 -5.65 2.07 10.68
N GLY B 57 -4.63 1.84 9.82
CA GLY B 57 -4.68 0.75 8.81
C GLY B 57 -4.88 1.10 7.33
N SER B 58 -5.31 2.35 7.05
CA SER B 58 -5.61 2.85 5.71
C SER B 58 -4.38 2.80 4.80
N TYR B 59 -4.62 2.78 3.50
CA TYR B 59 -3.58 2.52 2.53
C TYR B 59 -2.57 3.64 2.51
N ASN B 60 -3.06 4.87 2.68
CA ASN B 60 -2.20 6.03 2.54
C ASN B 60 -1.14 6.13 3.62
N GLU B 61 -1.52 5.88 4.87
CA GLU B 61 -0.53 5.91 5.93
C GLU B 61 0.41 4.69 5.86
N VAL B 62 -0.16 3.49 5.67
CA VAL B 62 0.69 2.30 5.70
C VAL B 62 1.57 2.27 4.48
N ASP B 63 1.06 2.85 3.40
CA ASP B 63 1.86 3.04 2.18
C ASP B 63 3.04 3.96 2.34
N ALA B 64 2.82 5.12 2.96
CA ALA B 64 3.87 6.12 3.12
C ALA B 64 4.94 5.58 4.08
N ALA B 65 4.49 4.98 5.18
CA ALA B 65 5.33 4.22 6.11
C ALA B 65 6.27 3.24 5.41
N VAL B 66 5.74 2.43 4.49
CA VAL B 66 6.54 1.39 3.83
C VAL B 66 7.58 2.05 2.90
N ARG B 67 7.16 3.10 2.21
CA ARG B 67 8.03 3.78 1.27
C ARG B 67 9.13 4.45 2.05
N HIS B 68 8.76 5.10 3.15
CA HIS B 68 9.75 5.77 3.99
C HIS B 68 10.75 4.78 4.57
N ALA B 69 10.27 3.65 5.05
CA ALA B 69 11.13 2.60 5.59
C ALA B 69 12.07 2.05 4.53
N LYS B 70 11.56 1.89 3.31
CA LYS B 70 12.38 1.40 2.21
C LYS B 70 13.50 2.38 1.90
N GLU B 71 13.20 3.65 1.99
CA GLU B 71 14.14 4.72 1.71
C GLU B 71 15.23 4.81 2.78
N MET B 72 14.83 4.83 4.06
CA MET B 72 15.77 4.67 5.17
C MET B 72 16.64 3.43 5.03
N ARG B 73 16.02 2.29 4.73
CA ARG B 73 16.81 1.10 4.47
C ARG B 73 17.90 1.36 3.42
N ASP B 74 17.51 1.98 2.32
CA ASP B 74 18.44 2.25 1.23
C ASP B 74 19.47 3.27 1.60
N GLU B 75 19.19 4.11 2.60
CA GLU B 75 20.14 5.16 2.99
C GLU B 75 21.13 4.74 4.06
N GLY B 76 20.94 3.52 4.58
CA GLY B 76 21.88 2.94 5.53
C GLY B 76 21.37 2.63 6.94
N ALA B 77 20.06 2.77 7.18
CA ALA B 77 19.47 2.34 8.45
C ALA B 77 19.63 0.83 8.70
N HIS B 78 19.83 0.45 9.96
CA HIS B 78 19.95 -0.97 10.34
C HIS B 78 18.79 -1.41 11.17
N ILE B 79 18.07 -0.46 11.73
CA ILE B 79 16.84 -0.77 12.47
C ILE B 79 15.82 0.26 12.07
N ILE B 80 14.56 -0.16 11.93
CA ILE B 80 13.44 0.80 11.76
C ILE B 80 12.69 0.90 13.09
N ASP B 81 12.56 2.13 13.61
CA ASP B 81 11.86 2.38 14.84
C ASP B 81 10.47 2.85 14.49
N ILE B 82 9.45 2.10 14.91
CA ILE B 82 8.06 2.41 14.57
C ILE B 82 7.27 2.84 15.84
N GLY B 83 6.76 4.07 15.91
CA GLY B 83 6.18 4.56 17.17
C GLY B 83 4.70 4.94 17.21
N GLY B 84 4.00 4.56 18.30
CA GLY B 84 2.50 4.69 18.39
C GLY B 84 1.83 6.05 18.20
N SER B 95 -5.49 5.88 23.29
CA SER B 95 -5.69 4.67 24.11
C SER B 95 -4.96 3.44 23.53
N VAL B 96 -4.79 2.41 24.36
CA VAL B 96 -4.04 1.19 23.99
C VAL B 96 -4.61 0.35 22.82
N GLU B 97 -5.93 0.31 22.65
CA GLU B 97 -6.52 -0.45 21.53
C GLU B 97 -6.36 0.23 20.18
N GLU B 98 -6.47 1.56 20.15
CA GLU B 98 -6.13 2.36 18.95
C GLU B 98 -4.66 2.33 18.55
N GLU B 99 -3.77 2.58 19.54
CA GLU B 99 -2.33 2.53 19.30
C GLU B 99 -1.94 1.19 18.65
N ILE B 100 -2.61 0.10 19.02
CA ILE B 100 -2.36 -1.21 18.41
C ILE B 100 -2.92 -1.24 17.00
N LYS B 101 -4.13 -0.68 16.84
CA LYS B 101 -4.84 -0.56 15.57
C LYS B 101 -3.98 0.20 14.59
N ARG B 102 -3.33 1.24 15.09
CA ARG B 102 -2.52 2.09 14.26
C ARG B 102 -1.12 1.54 14.01
N VAL B 103 -0.52 0.90 15.00
CA VAL B 103 0.88 0.50 14.89
C VAL B 103 1.09 -0.89 14.26
N VAL B 104 0.20 -1.83 14.56
CA VAL B 104 0.35 -3.24 14.11
C VAL B 104 0.31 -3.43 12.54
N PRO B 105 -0.64 -2.77 11.85
CA PRO B 105 -0.59 -2.74 10.37
C PRO B 105 0.73 -2.22 9.77
N MET B 106 1.31 -1.20 10.39
CA MET B 106 2.63 -0.72 9.98
C MET B 106 3.76 -1.71 10.20
N ILE B 107 3.79 -2.32 11.38
CA ILE B 107 4.76 -3.35 11.68
C ILE B 107 4.63 -4.49 10.66
N GLN B 108 3.41 -4.96 10.51
CA GLN B 108 3.09 -6.00 9.52
C GLN B 108 3.55 -5.68 8.11
N ALA B 109 3.14 -4.50 7.61
CA ALA B 109 3.55 -4.10 6.27
C ALA B 109 5.08 -4.02 6.17
N VAL B 110 5.70 -3.28 7.11
CA VAL B 110 7.13 -3.03 7.04
C VAL B 110 7.99 -4.31 7.14
N SER B 111 7.64 -5.19 8.08
CA SER B 111 8.42 -6.41 8.28
C SER B 111 8.31 -7.36 7.10
N LYS B 112 7.17 -7.32 6.41
CA LYS B 112 6.96 -8.10 5.22
C LYS B 112 7.89 -7.56 4.13
N GLU B 113 7.97 -6.24 4.05
CA GLU B 113 8.46 -5.59 2.85
C GLU B 113 9.85 -5.01 2.92
N VAL B 114 10.37 -4.88 4.13
CA VAL B 114 11.71 -4.31 4.39
C VAL B 114 12.42 -5.25 5.34
N LYS B 115 13.55 -5.76 4.85
CA LYS B 115 14.32 -6.78 5.53
C LYS B 115 15.39 -6.21 6.53
N LEU B 116 14.90 -5.72 7.67
CA LEU B 116 15.69 -5.04 8.73
C LEU B 116 14.92 -5.30 10.02
N PRO B 117 15.62 -5.36 11.18
CA PRO B 117 14.84 -5.38 12.43
C PRO B 117 14.00 -4.13 12.67
N ILE B 118 12.90 -4.32 13.40
CA ILE B 118 11.99 -3.26 13.78
C ILE B 118 11.93 -3.14 15.31
N SER B 119 12.00 -1.92 15.81
CA SER B 119 11.66 -1.69 17.19
C SER B 119 10.33 -1.06 17.31
N ILE B 120 9.58 -1.49 18.32
CA ILE B 120 8.35 -0.82 18.68
C ILE B 120 8.60 0.25 19.80
N ASP B 121 8.43 1.50 19.41
CA ASP B 121 8.52 2.63 20.30
C ASP B 121 7.24 2.60 21.14
N THR B 122 7.26 1.87 22.24
CA THR B 122 6.17 1.93 23.25
C THR B 122 6.65 1.75 24.71
N TYR B 123 6.00 2.40 25.66
CA TYR B 123 6.18 2.03 27.05
C TYR B 123 5.11 1.11 27.61
N LYS B 124 4.21 0.61 26.77
CA LYS B 124 3.01 -0.15 27.24
C LYS B 124 3.16 -1.65 26.99
N ALA B 125 2.89 -2.44 28.05
CA ALA B 125 3.10 -3.88 27.99
C ALA B 125 2.27 -4.51 26.87
N GLU B 126 1.03 -4.04 26.74
CA GLU B 126 0.04 -4.60 25.80
C GLU B 126 0.40 -4.37 24.33
N VAL B 127 0.77 -3.13 24.05
CA VAL B 127 1.25 -2.67 22.75
C VAL B 127 2.51 -3.37 22.32
N ALA B 128 3.41 -3.58 23.29
CA ALA B 128 4.66 -4.30 23.03
C ALA B 128 4.42 -5.77 22.64
N LYS B 129 3.52 -6.45 23.34
CA LYS B 129 3.17 -7.82 23.01
C LYS B 129 2.63 -7.93 21.56
N GLN B 130 1.56 -7.19 21.28
CA GLN B 130 0.92 -7.11 19.94
C GLN B 130 1.93 -6.88 18.85
N ALA B 131 2.66 -5.76 19.00
CA ALA B 131 3.71 -5.37 18.11
C ALA B 131 4.74 -6.48 17.83
N ILE B 132 5.03 -7.33 18.82
CA ILE B 132 6.02 -8.40 18.64
C ILE B 132 5.39 -9.50 17.84
N GLU B 133 4.10 -9.74 18.11
CA GLU B 133 3.24 -10.69 17.37
C GLU B 133 3.11 -10.27 15.92
N ALA B 134 2.93 -8.95 15.72
CA ALA B 134 2.93 -8.31 14.43
C ALA B 134 4.26 -8.43 13.64
N GLY B 135 5.38 -8.66 14.31
CA GLY B 135 6.69 -8.81 13.64
C GLY B 135 7.85 -7.91 14.17
N ALA B 136 7.62 -7.13 15.25
CA ALA B 136 8.64 -6.25 15.81
C ALA B 136 9.67 -7.10 16.53
N HIS B 137 10.94 -6.65 16.54
CA HIS B 137 12.08 -7.44 17.04
C HIS B 137 12.69 -6.93 18.37
N ILE B 138 12.45 -5.65 18.68
CA ILE B 138 13.13 -4.95 19.77
C ILE B 138 12.09 -4.06 20.43
N ILE B 139 12.07 -4.00 21.77
CA ILE B 139 11.23 -3.02 22.47
C ILE B 139 12.05 -1.77 22.78
N ASN B 140 11.42 -0.62 22.56
CA ASN B 140 12.03 0.68 22.74
C ASN B 140 11.24 1.55 23.73
N ASP B 141 11.68 1.51 24.99
CA ASP B 141 10.81 2.00 26.04
C ASP B 141 11.29 3.30 26.66
N ILE B 142 10.59 4.39 26.35
CA ILE B 142 10.96 5.70 26.87
C ILE B 142 10.79 5.88 28.39
N TRP B 143 10.22 4.88 29.08
CA TRP B 143 10.10 4.96 30.55
C TRP B 143 10.93 3.91 31.22
N GLY B 144 11.60 3.11 30.40
CA GLY B 144 12.55 2.11 30.86
C GLY B 144 11.95 1.12 31.84
N ALA B 145 10.78 0.59 31.50
CA ALA B 145 10.09 -0.43 32.28
C ALA B 145 9.52 0.12 33.61
N LYS B 146 9.47 1.44 33.73
CA LYS B 146 8.94 2.06 34.94
C LYS B 146 7.47 2.45 34.82
N ALA B 147 7.00 2.73 33.60
CA ALA B 147 5.60 3.06 33.43
C ALA B 147 4.79 1.78 33.63
N GLU B 148 5.24 0.70 33.01
CA GLU B 148 4.52 -0.54 33.01
C GLU B 148 5.46 -1.69 33.14
N PRO B 149 5.92 -1.97 34.38
CA PRO B 149 6.91 -3.00 34.65
C PRO B 149 6.64 -4.32 33.93
N LYS B 150 5.36 -4.58 33.59
CA LYS B 150 4.96 -5.80 32.88
C LYS B 150 5.62 -5.91 31.48
N ILE B 151 6.05 -4.78 30.92
CA ILE B 151 6.76 -4.77 29.64
C ILE B 151 8.09 -5.57 29.68
N ALA B 152 8.72 -5.60 30.85
CA ALA B 152 9.88 -6.42 31.11
C ALA B 152 9.57 -7.89 30.96
N GLU B 153 8.46 -8.31 31.57
CA GLU B 153 7.87 -9.66 31.40
C GLU B 153 7.62 -10.04 29.94
N VAL B 154 7.14 -9.07 29.16
CA VAL B 154 6.92 -9.28 27.72
C VAL B 154 8.25 -9.57 27.02
N ALA B 155 9.26 -8.74 27.31
CA ALA B 155 10.58 -8.81 26.72
C ALA B 155 11.22 -10.13 27.04
N ALA B 156 11.14 -10.52 28.30
CA ALA B 156 11.71 -11.79 28.77
C ALA B 156 11.04 -12.97 28.11
N HIS B 157 9.72 -12.88 27.92
CA HIS B 157 8.95 -13.97 27.27
C HIS B 157 9.33 -14.16 25.81
N TYR B 158 9.41 -13.05 25.07
CA TYR B 158 9.72 -13.12 23.65
C TYR B 158 11.20 -13.20 23.40
N ASP B 159 11.96 -12.89 24.44
CA ASP B 159 13.41 -12.96 24.40
C ASP B 159 14.00 -11.91 23.41
N VAL B 160 13.41 -10.72 23.40
CA VAL B 160 13.83 -9.64 22.50
C VAL B 160 14.69 -8.57 23.23
N PRO B 161 15.62 -7.88 22.51
CA PRO B 161 16.26 -6.76 23.15
C PRO B 161 15.27 -5.70 23.61
N ILE B 162 15.55 -5.06 24.73
CA ILE B 162 14.71 -3.96 25.19
C ILE B 162 15.61 -2.77 25.50
N ILE B 163 15.16 -1.58 25.10
CA ILE B 163 15.90 -0.37 25.33
C ILE B 163 15.26 0.32 26.50
N LEU B 164 16.09 0.55 27.53
CA LEU B 164 15.70 1.18 28.76
C LEU B 164 16.20 2.58 28.78
N MET B 165 15.34 3.52 28.44
CA MET B 165 15.74 4.92 28.36
C MET B 165 15.64 5.64 29.72
N HIS B 166 16.64 6.47 30.00
CA HIS B 166 16.53 7.35 31.14
C HIS B 166 15.38 8.32 31.05
N ASN B 167 14.51 8.24 32.03
CA ASN B 167 13.45 9.20 32.17
C ASN B 167 13.12 9.30 33.65
N ARG B 168 12.46 10.40 34.03
CA ARG B 168 11.91 10.59 35.39
C ARG B 168 10.92 11.74 35.33
N ASP B 169 10.18 11.96 36.41
CA ASP B 169 9.14 12.99 36.40
C ASP B 169 9.52 14.35 36.96
N ASN B 170 10.81 14.61 37.21
CA ASN B 170 11.26 15.93 37.68
C ASN B 170 12.67 16.16 37.20
N MET B 171 13.18 17.38 37.34
CA MET B 171 14.56 17.70 36.94
C MET B 171 15.40 18.09 38.14
N ASN B 172 15.18 17.40 39.24
CA ASN B 172 15.87 17.72 40.48
C ASN B 172 17.00 16.76 40.77
N TYR B 173 18.20 17.15 40.34
CA TYR B 173 19.31 16.24 40.34
C TYR B 173 20.33 16.65 41.37
N ARG B 174 20.67 15.73 42.28
CA ARG B 174 21.81 15.92 43.19
C ARG B 174 23.12 16.04 42.40
N ASN B 175 23.26 15.18 41.40
CA ASN B 175 24.43 15.05 40.54
C ASN B 175 23.90 14.31 39.32
N LEU B 176 23.69 15.07 38.24
CA LEU B 176 23.02 14.58 37.01
C LEU B 176 23.45 13.19 36.60
N MET B 177 24.72 13.01 36.32
CA MET B 177 25.23 11.72 35.84
C MET B 177 25.12 10.53 36.78
N ALA B 178 25.32 10.80 38.07
CA ALA B 178 25.28 9.82 39.12
C ALA B 178 23.85 9.42 39.28
N ASP B 179 22.97 10.42 39.28
CA ASP B 179 21.52 10.19 39.36
C ASP B 179 20.99 9.43 38.16
N MET B 180 21.42 9.79 36.95
CA MET B 180 20.97 9.09 35.74
C MET B 180 21.37 7.62 35.76
N ILE B 181 22.61 7.32 36.17
CA ILE B 181 23.12 5.93 36.34
C ILE B 181 22.32 5.13 37.38
N ALA B 182 22.08 5.78 38.52
CA ALA B 182 21.19 5.28 39.55
C ALA B 182 19.83 4.90 38.94
N ASP B 183 19.16 5.87 38.32
CA ASP B 183 17.84 5.67 37.68
C ASP B 183 17.90 4.57 36.64
N LEU B 184 18.94 4.56 35.81
CA LEU B 184 19.11 3.48 34.84
C LEU B 184 19.30 2.09 35.45
N TYR B 185 20.06 2.00 36.57
CA TYR B 185 20.17 0.74 37.27
CA TYR B 185 20.16 0.76 37.36
C TYR B 185 18.82 0.27 37.85
N ASP B 186 17.99 1.20 38.31
CA ASP B 186 16.60 0.85 38.68
C ASP B 186 15.81 0.19 37.54
N SER B 187 16.03 0.65 36.30
CA SER B 187 15.39 0.01 35.15
C SER B 187 15.98 -1.40 34.90
N ILE B 188 17.31 -1.53 34.99
CA ILE B 188 17.99 -2.82 34.83
C ILE B 188 17.46 -3.85 35.84
N LYS B 189 17.28 -3.43 37.10
CA LYS B 189 16.83 -4.31 38.16
C LYS B 189 15.46 -4.82 37.81
N ILE B 190 14.52 -3.91 37.49
CA ILE B 190 13.17 -4.29 36.98
C ILE B 190 13.17 -5.33 35.80
N ALA B 191 14.00 -5.07 34.79
CA ALA B 191 14.25 -5.98 33.68
C ALA B 191 14.76 -7.35 34.11
N LYS B 192 15.87 -7.36 34.83
CA LYS B 192 16.52 -8.62 35.20
C LYS B 192 15.63 -9.47 36.09
N ASP B 193 14.85 -8.78 36.92
CA ASP B 193 13.89 -9.37 37.85
C ASP B 193 12.76 -10.08 37.11
N ALA B 194 12.33 -9.48 35.98
CA ALA B 194 11.28 -10.05 35.16
C ALA B 194 11.85 -11.10 34.24
N GLY B 195 13.15 -11.28 34.29
CA GLY B 195 13.79 -12.37 33.56
C GLY B 195 14.57 -11.98 32.32
N VAL B 196 14.65 -10.69 31.99
CA VAL B 196 15.44 -10.21 30.83
C VAL B 196 16.95 -10.52 30.97
N ARG B 197 17.50 -11.26 30.00
CA ARG B 197 18.91 -11.63 30.01
C ARG B 197 19.74 -10.41 29.69
N ASP B 198 20.96 -10.40 30.23
CA ASP B 198 21.83 -9.24 30.12
C ASP B 198 22.10 -8.83 28.69
N GLU B 199 22.27 -9.81 27.81
CA GLU B 199 22.56 -9.53 26.41
C GLU B 199 21.39 -8.95 25.66
N ASN B 200 20.24 -8.85 26.33
CA ASN B 200 19.04 -8.20 25.75
C ASN B 200 18.77 -6.82 26.32
N ILE B 201 19.71 -6.26 27.06
CA ILE B 201 19.55 -4.91 27.63
C ILE B 201 20.37 -3.88 26.88
N ILE B 202 19.70 -2.75 26.60
CA ILE B 202 20.31 -1.59 25.93
C ILE B 202 19.91 -0.34 26.73
N LEU B 203 20.86 0.58 26.96
CA LEU B 203 20.53 1.75 27.78
C LEU B 203 20.58 2.99 26.92
N ASP B 204 19.89 4.05 27.35
CA ASP B 204 19.78 5.28 26.60
C ASP B 204 19.78 6.39 27.65
N PRO B 205 20.61 7.43 27.48
CA PRO B 205 20.65 8.57 28.42
C PRO B 205 19.35 9.39 28.47
N GLY B 206 18.42 9.15 27.56
CA GLY B 206 17.24 9.96 27.35
C GLY B 206 17.50 11.43 27.21
N ILE B 207 18.35 11.83 26.26
CA ILE B 207 18.58 13.27 25.99
C ILE B 207 17.23 13.93 25.64
N GLY B 208 16.91 15.05 26.27
CA GLY B 208 15.67 15.71 26.00
C GLY B 208 14.58 15.38 27.01
N PHE B 209 14.78 14.35 27.83
CA PHE B 209 13.77 13.94 28.79
C PHE B 209 14.20 14.25 30.23
N ALA B 210 13.35 15.03 30.90
CA ALA B 210 13.50 15.38 32.29
C ALA B 210 14.83 16.05 32.54
N LYS B 211 15.26 16.86 31.55
CA LYS B 211 16.53 17.60 31.59
C LYS B 211 16.42 19.04 31.02
N THR B 212 16.98 20.01 31.74
CA THR B 212 17.04 21.37 31.24
C THR B 212 17.99 21.36 30.05
N PRO B 213 17.97 22.41 29.19
CA PRO B 213 18.87 22.44 28.03
C PRO B 213 20.33 22.24 28.46
N GLU B 214 20.65 22.74 29.63
CA GLU B 214 21.99 22.71 30.16
C GLU B 214 22.31 21.33 30.70
N GLN B 215 21.35 20.68 31.34
CA GLN B 215 21.56 19.30 31.72
C GLN B 215 21.74 18.36 30.54
N ASN B 216 21.00 18.57 29.44
CA ASN B 216 21.24 17.79 28.20
C ASN B 216 22.68 17.92 27.70
N LEU B 217 23.21 19.12 27.74
CA LEU B 217 24.56 19.42 27.29
C LEU B 217 25.59 18.71 28.17
N GLU B 218 25.29 18.59 29.44
CA GLU B 218 26.18 18.01 30.43
C GLU B 218 26.20 16.51 30.28
N ALA B 219 25.03 15.95 29.98
CA ALA B 219 24.87 14.53 29.80
C ALA B 219 25.66 14.13 28.58
N MET B 220 25.50 14.90 27.49
CA MET B 220 26.37 14.77 26.30
C MET B 220 27.85 14.81 26.59
N ARG B 221 28.24 15.78 27.37
CA ARG B 221 29.63 16.01 27.74
C ARG B 221 30.20 14.81 28.53
N ASN B 222 29.33 14.08 29.23
CA ASN B 222 29.73 13.00 30.10
C ASN B 222 29.17 11.63 29.77
N LEU B 223 28.63 11.45 28.56
CA LEU B 223 28.05 10.18 28.16
C LEU B 223 28.89 8.96 28.38
N GLU B 224 30.21 9.08 28.24
CA GLU B 224 31.07 7.91 28.39
C GLU B 224 30.96 7.29 29.80
N GLN B 225 30.44 8.01 30.78
CA GLN B 225 30.22 7.41 32.09
C GLN B 225 29.21 6.28 32.05
N LEU B 226 28.36 6.23 31.04
CA LEU B 226 27.34 5.20 31.04
C LEU B 226 27.97 3.88 30.73
N ASN B 227 29.15 3.91 30.13
CA ASN B 227 29.78 2.66 29.73
C ASN B 227 30.14 1.74 30.90
N VAL B 228 30.30 2.30 32.09
CA VAL B 228 30.81 1.52 33.20
C VAL B 228 29.76 0.52 33.61
N LEU B 229 28.53 0.75 33.17
CA LEU B 229 27.42 -0.15 33.51
C LEU B 229 27.50 -1.45 32.76
N GLY B 230 28.26 -1.49 31.67
CA GLY B 230 28.52 -2.69 30.91
C GLY B 230 27.50 -3.08 29.83
N TYR B 231 26.58 -2.16 29.45
CA TYR B 231 25.55 -2.40 28.39
C TYR B 231 25.71 -1.52 27.20
N PRO B 232 25.27 -2.01 26.04
CA PRO B 232 25.16 -1.10 24.90
C PRO B 232 24.32 0.15 25.19
N VAL B 233 24.74 1.23 24.56
CA VAL B 233 24.10 2.53 24.74
C VAL B 233 23.58 3.05 23.39
N LEU B 234 22.32 3.46 23.40
CA LEU B 234 21.69 4.08 22.26
C LEU B 234 21.57 5.57 22.52
N LEU B 235 22.01 6.39 21.56
CA LEU B 235 21.83 7.84 21.64
C LEU B 235 20.72 8.42 20.76
N GLY B 236 19.75 9.11 21.38
CA GLY B 236 18.70 9.82 20.68
C GLY B 236 18.70 11.33 20.85
N THR B 237 19.24 12.05 19.88
CA THR B 237 19.40 13.50 19.99
C THR B 237 18.77 14.26 18.82
N SER B 238 18.35 13.49 17.79
CA SER B 238 17.93 13.97 16.47
C SER B 238 16.88 15.02 16.56
N ARG B 239 17.24 16.23 16.09
CA ARG B 239 16.39 17.43 15.98
C ARG B 239 15.77 17.95 17.30
N LYS B 240 16.32 17.52 18.41
CA LYS B 240 15.82 17.90 19.71
C LYS B 240 15.97 19.36 19.99
N SER B 241 15.10 19.77 20.90
CA SER B 241 15.01 21.12 21.37
C SER B 241 16.35 21.74 21.84
N PHE B 242 17.21 20.99 22.54
CA PHE B 242 18.46 21.57 23.03
C PHE B 242 19.43 21.96 21.93
N ILE B 243 19.29 21.36 20.75
CA ILE B 243 20.04 21.77 19.60
C ILE B 243 19.50 23.12 19.13
N GLY B 244 18.18 23.23 19.11
CA GLY B 244 17.50 24.49 18.83
C GLY B 244 17.98 25.57 19.78
N HIS B 245 18.05 25.24 21.07
CA HIS B 245 18.38 26.25 22.08
C HIS B 245 19.78 26.80 21.87
N VAL B 246 20.69 25.94 21.42
CA VAL B 246 22.08 26.32 21.29
C VAL B 246 22.23 27.07 19.99
N LEU B 247 21.66 26.50 18.92
CA LEU B 247 21.90 27.06 17.60
C LEU B 247 20.96 28.21 17.24
N ASP B 248 19.85 28.31 17.97
CA ASP B 248 18.71 29.15 17.61
C ASP B 248 18.24 28.87 16.16
N LEU B 249 17.79 27.64 15.96
CA LEU B 249 17.38 27.16 14.68
C LEU B 249 16.16 26.28 14.89
N PRO B 250 15.14 26.41 14.02
CA PRO B 250 13.93 25.57 14.19
C PRO B 250 14.14 24.10 13.80
N VAL B 251 13.20 23.25 14.16
CA VAL B 251 13.29 21.79 13.98
C VAL B 251 13.83 21.28 12.62
N GLU B 252 13.51 21.96 11.54
CA GLU B 252 13.96 21.50 10.23
C GLU B 252 15.31 22.09 9.82
N GLU B 253 15.87 22.96 10.65
CA GLU B 253 17.21 23.54 10.48
C GLU B 253 18.26 22.98 11.51
N ARG B 254 18.08 21.71 11.92
CA ARG B 254 18.92 21.12 12.98
C ARG B 254 19.75 19.93 12.54
N LEU B 255 20.00 19.78 11.25
CA LEU B 255 20.73 18.63 10.79
C LEU B 255 22.20 18.66 11.22
N GLU B 256 22.86 19.82 11.12
CA GLU B 256 24.26 19.99 11.51
C GLU B 256 24.47 19.86 13.00
N GLY B 257 23.52 20.39 13.78
CA GLY B 257 23.57 20.28 15.20
C GLY B 257 23.41 18.85 15.63
N THR B 258 22.50 18.11 14.97
CA THR B 258 22.28 16.65 15.23
C THR B 258 23.56 15.88 14.96
N GLY B 259 24.22 16.25 13.88
CA GLY B 259 25.45 15.60 13.46
C GLY B 259 26.54 15.74 14.50
N ALA B 260 26.66 16.91 15.10
CA ALA B 260 27.60 17.13 16.15
C ALA B 260 27.32 16.16 17.31
N THR B 261 26.06 16.11 17.77
CA THR B 261 25.68 15.24 18.90
C THR B 261 25.92 13.74 18.58
N VAL B 262 25.68 13.34 17.34
CA VAL B 262 25.96 11.97 16.86
C VAL B 262 27.43 11.68 16.87
N CYS B 263 28.24 12.65 16.46
CA CYS B 263 29.65 12.41 16.37
C CYS B 263 30.23 12.23 17.77
N LEU B 264 29.81 13.15 18.64
CA LEU B 264 30.29 13.19 19.99
C LEU B 264 29.86 11.94 20.70
N GLY B 265 28.62 11.46 20.46
CA GLY B 265 28.12 10.26 21.08
C GLY B 265 28.86 9.03 20.59
N ILE B 266 29.27 9.02 19.33
CA ILE B 266 30.06 7.88 18.84
C ILE B 266 31.45 7.96 19.41
N GLU B 267 32.02 9.15 19.48
CA GLU B 267 33.33 9.21 20.12
C GLU B 267 33.30 8.74 21.60
N LYS B 268 32.19 8.97 22.29
CA LYS B 268 32.00 8.58 23.65
C LYS B 268 31.53 7.13 23.86
N GLY B 269 31.47 6.32 22.81
CA GLY B 269 31.27 4.88 22.91
C GLY B 269 29.86 4.40 22.75
N CYS B 270 29.01 5.21 22.11
N CYS B 270 28.98 5.20 22.15
CA CYS B 270 27.66 4.74 21.86
CA CYS B 270 27.65 4.67 21.98
C CYS B 270 27.65 3.66 20.77
C CYS B 270 27.61 3.69 20.78
N GLU B 271 26.77 2.67 20.93
CA GLU B 271 26.64 1.59 19.92
C GLU B 271 25.55 1.83 18.80
N PHE B 272 24.51 2.61 19.11
CA PHE B 272 23.40 2.91 18.24
C PHE B 272 23.12 4.36 18.36
N VAL B 273 22.62 4.96 17.26
CA VAL B 273 22.03 6.34 17.26
C VAL B 273 20.68 6.28 16.55
N ARG B 274 19.68 6.96 17.14
CA ARG B 274 18.31 7.00 16.70
C ARG B 274 18.06 8.30 16.00
N VAL B 275 17.95 8.26 14.67
CA VAL B 275 17.99 9.45 13.83
C VAL B 275 16.87 9.57 12.81
N HIS B 276 16.48 10.81 12.49
CA HIS B 276 15.60 11.08 11.32
C HIS B 276 16.35 11.14 9.97
N ASP B 277 17.47 11.85 9.94
CA ASP B 277 18.20 12.03 8.70
C ASP B 277 19.16 10.86 8.46
N VAL B 278 18.58 9.74 8.11
CA VAL B 278 19.35 8.54 7.93
C VAL B 278 20.53 8.67 6.98
N LYS B 279 20.39 9.32 5.83
CA LYS B 279 21.45 9.33 4.81
C LYS B 279 22.69 10.06 5.33
N GLU B 280 22.42 11.25 5.84
CA GLU B 280 23.42 12.18 6.34
C GLU B 280 24.16 11.59 7.58
N MET B 281 23.37 11.14 8.55
CA MET B 281 23.88 10.62 9.79
C MET B 281 24.66 9.34 9.63
N SER B 282 24.23 8.47 8.72
CA SER B 282 25.00 7.26 8.36
C SER B 282 26.38 7.52 7.85
N ARG B 283 26.50 8.53 7.00
CA ARG B 283 27.81 8.96 6.51
C ARG B 283 28.66 9.49 7.64
N MET B 284 28.09 10.33 8.50
CA MET B 284 28.85 10.84 9.60
C MET B 284 29.31 9.72 10.56
N ALA B 285 28.39 8.83 10.92
CA ALA B 285 28.68 7.64 11.73
C ALA B 285 29.79 6.80 11.14
N LYS B 286 29.70 6.58 9.84
CA LYS B 286 30.65 5.77 9.13
C LYS B 286 32.03 6.40 9.13
N MET B 287 32.10 7.73 9.05
CA MET B 287 33.38 8.42 9.08
C MET B 287 33.93 8.42 10.50
N MET B 288 33.09 8.70 11.49
CA MET B 288 33.48 8.56 12.90
C MET B 288 34.11 7.19 13.20
N ASP B 289 33.37 6.12 12.90
CA ASP B 289 33.84 4.73 13.06
C ASP B 289 35.24 4.52 12.50
N ALA B 290 35.52 5.07 11.31
CA ALA B 290 36.86 4.94 10.74
C ALA B 290 37.90 5.67 11.56
N MET B 291 37.65 6.91 11.97
CA MET B 291 38.62 7.63 12.79
C MET B 291 38.86 6.98 14.16
N ILE B 292 37.79 6.53 14.83
CA ILE B 292 37.95 5.91 16.13
C ILE B 292 38.41 4.43 16.06
N GLY B 293 38.35 3.80 14.89
CA GLY B 293 38.82 2.44 14.70
C GLY B 293 37.86 1.35 15.17
N LYS B 294 36.56 1.67 15.21
CA LYS B 294 35.47 0.68 15.44
C LYS B 294 35.50 -0.40 14.34
C2 B52 C . -18.80 -6.80 -17.35
C3 B52 C . -18.91 -5.67 -19.41
C4 B52 C . -19.02 -8.03 -19.51
C1 B52 C . -18.92 -8.11 -18.03
O18 B52 C . -16.55 -11.17 -15.50
C17 B52 C . -17.73 -11.55 -15.15
O19 B52 C . -18.06 -12.80 -15.09
C15 B52 C . -18.76 -10.45 -14.76
C16 B52 C . -20.14 -11.05 -14.52
C11 B52 C . -18.81 -9.28 -15.73
C12 B52 C . -18.92 -9.38 -17.23
O13 B52 C . -18.99 -10.48 -17.79
N3 B52 C . -18.73 -8.02 -15.22
N4 B52 C . -18.73 -6.81 -15.96
C14 B52 C . -18.61 -5.53 -15.26
O4 B52 C . -19.13 -9.06 -20.18
N1 B52 C . -18.80 -5.65 -18.06
N6 B52 C . -18.89 -4.49 -20.07
N2 B52 C . -19.00 -6.82 -20.10
S SO4 D . 6.22 0.84 -11.12
O1 SO4 D . 4.90 1.42 -10.82
O2 SO4 D . 6.98 0.98 -9.88
O3 SO4 D . 6.16 -0.62 -11.39
O4 SO4 D . 6.89 1.55 -12.23
S SO4 E . -6.69 -14.58 -10.75
O1 SO4 E . -7.80 -13.66 -11.12
O2 SO4 E . -5.55 -14.50 -11.70
O3 SO4 E . -6.17 -14.18 -9.43
O4 SO4 E . -7.20 -15.97 -10.63
S SO4 F . -19.42 -21.71 -13.53
O1 SO4 F . -19.29 -20.33 -14.04
O2 SO4 F . -20.76 -22.31 -13.75
O3 SO4 F . -18.49 -22.61 -14.23
O4 SO4 F . -19.08 -21.68 -12.09
C2 B52 G . 12.89 7.78 21.84
C3 B52 G . 14.70 6.44 22.60
C4 B52 G . 15.09 8.75 22.47
C1 B52 G . 13.72 8.98 21.99
O18 B52 G . 12.55 11.86 18.74
C17 B52 G . 11.92 12.43 19.74
O19 B52 G . 12.00 13.69 19.93
C15 B52 G . 11.03 11.66 20.74
C16 B52 G . 10.65 12.59 21.89
C11 B52 G . 11.70 10.39 21.17
C12 B52 G . 13.14 10.32 21.65
O13 B52 G . 13.82 11.35 21.77
N3 B52 G . 11.03 9.22 21.08
N4 B52 G . 11.55 7.93 21.39
C14 B52 G . 10.71 6.71 21.22
O4 B52 G . 15.86 9.71 22.65
N1 B52 G . 13.45 6.57 22.16
N6 B52 G . 15.17 5.21 22.87
N2 B52 G . 15.49 7.50 22.72
S SO4 H . 11.97 -2.65 -2.85
O1 SO4 H . 12.88 -1.52 -2.73
O2 SO4 H . 12.78 -3.83 -3.22
O3 SO4 H . 11.22 -2.97 -1.62
O4 SO4 H . 10.98 -2.25 -3.87
S SO4 I . 11.53 23.05 19.92
O1 SO4 I . 11.64 21.60 19.63
O2 SO4 I . 10.35 23.55 19.20
O3 SO4 I . 11.31 23.33 21.36
O4 SO4 I . 12.69 23.84 19.46
S SO4 J . 11.37 14.64 6.89
O1 SO4 J . 10.70 14.57 8.22
O2 SO4 J . 10.32 14.71 5.84
O3 SO4 J . 12.26 15.83 6.73
O4 SO4 J . 12.20 13.42 6.69
#